data_2J8Q
#
_entry.id   2J8Q
#
_cell.length_a   86.400
_cell.length_b   86.400
_cell.length_c   139.700
_cell.angle_alpha   90.00
_cell.angle_beta   90.00
_cell.angle_gamma   90.00
#
_symmetry.space_group_name_H-M   'P 41 21 2'
#
loop_
_entity.id
_entity.type
_entity.pdbx_description
1 polymer 'CLEAVAGE AND POLYADENYLATION SPECIFICITY FACTOR 5'
2 non-polymer 'SULFATE ION'
3 water water
#
_entity_poly.entity_id   1
_entity_poly.type   'polypeptide(L)'
_entity_poly.pdbx_seq_one_letter_code
;MHHHHHHSSGVDLGTENLYFQSMYIQQTKPLTLERTINLYPLTNYTFGTKEPLYEKDSSVAARFQRMREEFDKIGMRRTV
EGVLIVHEHRLPHVLLLQLGTTFFKLPGGELNPGEDEVEGLKRLMTEILGRQDGVLQDWVIDDCIGNWWRPNFEPPQYPY
IPAHITKPKEHKKLFLVQLQEKALFAVPKNYKLVAAPLFELYDNAPGYGPIISSLPQLLSRFNFIYN
;
_entity_poly.pdbx_strand_id   A,B
#
loop_
_chem_comp.id
_chem_comp.type
_chem_comp.name
_chem_comp.formula
SO4 non-polymer 'SULFATE ION' 'O4 S -2'
#
# COMPACT_ATOMS: atom_id res chain seq x y z
N SER A 22 -2.29 38.63 -11.61
CA SER A 22 -3.53 38.09 -10.97
C SER A 22 -3.26 36.97 -9.96
N MET A 23 -2.73 35.84 -10.44
CA MET A 23 -2.56 34.66 -9.59
C MET A 23 -1.31 34.77 -8.70
N TYR A 24 -1.35 34.08 -7.55
CA TYR A 24 -0.19 33.96 -6.69
C TYR A 24 0.55 32.69 -7.09
N ILE A 25 1.87 32.68 -6.88
CA ILE A 25 2.64 31.48 -7.17
C ILE A 25 2.59 30.56 -5.95
N GLN A 26 2.22 29.29 -6.17
CA GLN A 26 2.18 28.33 -5.08
C GLN A 26 3.34 27.34 -5.12
N GLN A 27 3.69 26.81 -3.94
CA GLN A 27 4.55 25.64 -3.78
C GLN A 27 3.72 24.52 -4.40
N THR A 28 4.28 23.56 -5.15
CA THR A 28 5.06 22.39 -4.71
C THR A 28 4.76 21.77 -3.35
N LYS A 29 4.02 20.67 -3.48
CA LYS A 29 3.81 19.69 -2.44
C LYS A 29 4.95 18.67 -2.55
N PRO A 30 5.47 18.24 -1.40
CA PRO A 30 6.43 17.14 -1.35
C PRO A 30 5.82 15.89 -1.99
N LEU A 31 6.63 15.14 -2.73
CA LEU A 31 6.16 13.93 -3.40
C LEU A 31 5.93 12.73 -2.45
N THR A 32 6.42 12.84 -1.22
CA THR A 32 6.07 11.87 -0.19
C THR A 32 4.59 12.03 0.23
N LEU A 33 4.14 13.27 0.29
CA LEU A 33 2.75 13.60 0.62
C LEU A 33 1.75 13.30 -0.50
N GLU A 34 2.17 13.52 -1.75
CA GLU A 34 1.30 13.35 -2.91
C GLU A 34 2.13 12.99 -4.14
N ARG A 35 2.07 11.73 -4.55
CA ARG A 35 2.82 11.28 -5.71
C ARG A 35 1.89 11.09 -6.90
N THR A 36 2.04 11.98 -7.88
CA THR A 36 1.15 12.04 -9.04
C THR A 36 1.76 11.24 -10.20
N ILE A 37 0.93 10.38 -10.80
CA ILE A 37 1.36 9.49 -11.90
C ILE A 37 0.39 9.68 -13.09
N ASN A 38 0.96 9.87 -14.27
CA ASN A 38 0.18 10.02 -15.50
C ASN A 38 -0.19 8.66 -16.10
N LEU A 39 -1.48 8.44 -16.28
CA LEU A 39 -1.99 7.25 -16.96
C LEU A 39 -2.53 7.60 -18.35
N TYR A 40 -2.47 6.63 -19.26
CA TYR A 40 -2.91 6.80 -20.66
C TYR A 40 -3.81 5.64 -21.10
N PRO A 41 -4.63 5.84 -22.15
CA PRO A 41 -5.54 4.77 -22.57
C PRO A 41 -4.82 3.44 -22.82
N LEU A 42 -5.52 2.35 -22.50
CA LEU A 42 -5.06 1.00 -22.79
C LEU A 42 -4.72 0.79 -24.27
N THR A 43 -5.48 1.44 -25.16
CA THR A 43 -5.28 1.31 -26.61
C THR A 43 -4.02 2.00 -27.15
N ASN A 44 -3.34 2.77 -26.29
CA ASN A 44 -2.06 3.39 -26.62
C ASN A 44 -0.90 2.39 -26.55
N TYR A 45 -1.17 1.21 -26.00
CA TYR A 45 -0.16 0.19 -25.76
C TYR A 45 -0.50 -1.08 -26.53
N THR A 46 0.43 -1.50 -27.39
CA THR A 46 0.27 -2.67 -28.22
C THR A 46 1.49 -3.57 -28.10
N PHE A 47 1.38 -4.83 -28.55
CA PHE A 47 2.52 -5.72 -28.49
C PHE A 47 2.72 -6.59 -29.72
N GLY A 48 3.96 -7.02 -29.90
CA GLY A 48 4.35 -7.98 -30.91
C GLY A 48 4.92 -9.19 -30.21
N THR A 49 5.46 -10.11 -30.99
CA THR A 49 5.86 -11.42 -30.50
C THR A 49 7.36 -11.62 -30.66
N LYS A 50 8.02 -12.10 -29.59
CA LYS A 50 9.39 -12.58 -29.69
C LYS A 50 9.50 -14.04 -29.28
N GLU A 51 10.73 -14.57 -29.21
CA GLU A 51 10.96 -16.00 -28.97
C GLU A 51 10.48 -16.43 -27.58
N PRO A 52 10.01 -17.70 -27.45
CA PRO A 52 9.49 -18.17 -26.16
C PRO A 52 10.48 -18.03 -25.01
N LEU A 53 9.96 -17.71 -23.82
CA LEU A 53 10.78 -17.69 -22.61
C LEU A 53 10.29 -18.77 -21.64
N TYR A 54 11.10 -19.78 -21.44
CA TYR A 54 10.71 -20.95 -20.67
C TYR A 54 10.98 -20.77 -19.17
N GLU A 55 10.09 -21.34 -18.37
CA GLU A 55 10.23 -21.39 -16.91
C GLU A 55 11.42 -22.28 -16.51
N LYS A 56 12.26 -21.78 -15.59
CA LYS A 56 13.42 -22.52 -15.09
C LYS A 56 13.04 -23.77 -14.30
N ASP A 57 11.87 -23.71 -13.66
CA ASP A 57 11.37 -24.80 -12.84
C ASP A 57 10.08 -25.35 -13.43
N SER A 58 9.92 -26.67 -13.37
CA SER A 58 8.77 -27.34 -13.98
C SER A 58 7.66 -27.77 -13.02
N SER A 59 7.88 -27.57 -11.71
CA SER A 59 6.87 -27.90 -10.69
C SER A 59 7.12 -27.16 -9.37
N VAL A 60 6.08 -27.09 -8.54
CA VAL A 60 6.13 -26.44 -7.22
C VAL A 60 7.08 -27.17 -6.25
N ALA A 61 7.23 -28.48 -6.39
CA ALA A 61 8.20 -29.21 -5.58
C ALA A 61 9.65 -28.96 -6.01
N ALA A 62 9.86 -28.78 -7.32
CA ALA A 62 11.19 -28.53 -7.90
C ALA A 62 11.59 -27.05 -7.75
N ARG A 63 10.59 -26.18 -7.71
CA ARG A 63 10.82 -24.75 -7.50
C ARG A 63 11.48 -24.49 -6.15
N PHE A 64 11.06 -25.23 -5.11
CA PHE A 64 11.59 -25.00 -3.77
C PHE A 64 12.85 -25.81 -3.49
N GLN A 65 13.11 -26.82 -4.31
CA GLN A 65 14.38 -27.55 -4.28
C GLN A 65 15.50 -26.67 -4.84
N ARG A 66 15.28 -26.09 -6.03
CA ARG A 66 16.27 -25.16 -6.61
C ARG A 66 16.50 -23.98 -5.68
N MET A 67 15.41 -23.43 -5.12
CA MET A 67 15.48 -22.34 -4.13
C MET A 67 16.34 -22.73 -2.94
N ARG A 68 16.22 -23.98 -2.48
CA ARG A 68 17.00 -24.50 -1.35
C ARG A 68 18.47 -24.71 -1.70
N GLU A 69 18.72 -25.28 -2.89
CA GLU A 69 20.06 -25.54 -3.39
C GLU A 69 20.85 -24.24 -3.58
N GLU A 70 20.18 -23.22 -4.13
CA GLU A 70 20.78 -21.91 -4.33
C GLU A 70 21.00 -21.16 -3.02
N PHE A 71 20.11 -21.32 -2.05
CA PHE A 71 20.23 -20.66 -0.74
C PHE A 71 21.49 -21.09 0.02
N ASP A 72 21.82 -22.38 -0.05
CA ASP A 72 23.02 -22.91 0.59
C ASP A 72 24.30 -22.36 -0.04
N LYS A 73 24.21 -21.95 -1.31
CA LYS A 73 25.39 -21.49 -2.06
C LYS A 73 25.54 -19.96 -2.15
N ILE A 74 24.42 -19.25 -2.36
CA ILE A 74 24.44 -17.81 -2.63
C ILE A 74 23.49 -16.98 -1.72
N GLY A 75 22.88 -17.62 -0.74
CA GLY A 75 22.02 -16.93 0.23
C GLY A 75 20.62 -16.60 -0.26
N MET A 76 19.95 -15.72 0.48
CA MET A 76 18.56 -15.34 0.25
C MET A 76 18.33 -14.90 -1.20
N ARG A 77 17.25 -15.38 -1.80
CA ARG A 77 16.92 -15.04 -3.18
C ARG A 77 16.33 -13.64 -3.24
N ARG A 78 16.76 -12.87 -4.22
CA ARG A 78 16.26 -11.52 -4.38
C ARG A 78 15.50 -11.41 -5.70
N THR A 79 14.21 -11.13 -5.61
CA THR A 79 13.36 -10.96 -6.78
C THR A 79 12.80 -9.56 -6.82
N VAL A 80 12.70 -9.02 -8.02
CA VAL A 80 12.16 -7.68 -8.25
C VAL A 80 11.04 -7.71 -9.29
N GLU A 81 9.98 -6.93 -9.06
CA GLU A 81 8.84 -6.96 -9.97
C GLU A 81 8.33 -5.58 -10.33
N GLY A 82 7.82 -5.44 -11.55
CA GLY A 82 7.44 -4.16 -12.08
C GLY A 82 5.95 -4.10 -12.28
N VAL A 83 5.35 -2.99 -11.89
CA VAL A 83 3.91 -2.77 -12.00
C VAL A 83 3.70 -1.66 -13.01
N LEU A 84 3.07 -2.00 -14.14
CA LEU A 84 2.80 -1.09 -15.26
C LEU A 84 1.30 -0.81 -15.31
N ILE A 85 0.93 0.46 -15.21
CA ILE A 85 -0.47 0.83 -15.04
C ILE A 85 -0.95 1.70 -16.19
N VAL A 86 -2.11 1.35 -16.71
CA VAL A 86 -2.77 2.08 -17.78
C VAL A 86 -4.17 2.42 -17.26
N HIS A 87 -5.00 3.07 -18.08
CA HIS A 87 -6.42 3.23 -17.75
C HIS A 87 -7.29 2.92 -18.95
N GLU A 88 -8.55 2.56 -18.68
CA GLU A 88 -9.59 2.47 -19.68
C GLU A 88 -10.85 3.10 -19.11
N HIS A 89 -11.28 4.21 -19.71
CA HIS A 89 -12.38 5.04 -19.22
C HIS A 89 -12.22 5.45 -17.75
N ARG A 90 -11.02 5.92 -17.42
CA ARG A 90 -10.69 6.43 -16.07
C ARG A 90 -10.57 5.38 -14.97
N LEU A 91 -10.50 4.09 -15.35
CA LEU A 91 -10.28 3.00 -14.40
C LEU A 91 -8.86 2.42 -14.57
N PRO A 92 -8.04 2.47 -13.51
CA PRO A 92 -6.68 1.93 -13.60
C PRO A 92 -6.64 0.41 -13.82
N HIS A 93 -5.76 -0.02 -14.69
CA HIS A 93 -5.58 -1.43 -15.01
C HIS A 93 -4.08 -1.70 -14.86
N VAL A 94 -3.72 -2.88 -14.36
CA VAL A 94 -2.33 -3.30 -14.21
C VAL A 94 -2.03 -4.24 -15.37
N LEU A 95 -0.83 -4.16 -15.95
CA LEU A 95 -0.46 -5.06 -17.05
C LEU A 95 0.10 -6.35 -16.47
N LEU A 96 -0.44 -7.48 -16.92
CA LEU A 96 0.03 -8.77 -16.42
C LEU A 96 0.45 -9.68 -17.56
N LEU A 97 1.42 -10.54 -17.27
CA LEU A 97 1.79 -11.62 -18.17
C LEU A 97 1.03 -12.89 -17.83
N GLN A 98 0.48 -13.53 -18.85
CA GLN A 98 -0.31 -14.73 -18.66
C GLN A 98 0.37 -15.88 -19.40
N LEU A 99 0.76 -16.90 -18.65
CA LEU A 99 1.31 -18.14 -19.20
C LEU A 99 0.17 -19.18 -19.22
N GLY A 100 -0.23 -19.65 -20.40
CA GLY A 100 -1.23 -20.72 -20.53
C GLY A 100 -2.56 -20.50 -19.79
N THR A 101 -3.23 -19.42 -20.16
CA THR A 101 -4.54 -19.01 -19.59
C THR A 101 -4.57 -18.58 -18.11
N THR A 102 -4.08 -19.41 -17.19
CA THR A 102 -4.36 -19.18 -15.76
C THR A 102 -3.24 -18.72 -14.83
N PHE A 103 -1.98 -18.81 -15.26
CA PHE A 103 -0.88 -18.37 -14.38
C PHE A 103 -0.48 -16.92 -14.69
N PHE A 104 -0.89 -15.99 -13.82
CA PHE A 104 -0.58 -14.56 -14.00
C PHE A 104 0.67 -14.14 -13.23
N LYS A 105 1.47 -13.26 -13.84
CA LYS A 105 2.65 -12.75 -13.18
C LYS A 105 2.98 -11.31 -13.61
N LEU A 106 3.69 -10.61 -12.75
CA LEU A 106 4.24 -9.29 -13.08
C LEU A 106 5.54 -9.49 -13.86
N PRO A 107 5.89 -8.54 -14.77
CA PRO A 107 7.23 -8.60 -15.38
C PRO A 107 8.30 -8.35 -14.31
N GLY A 108 9.41 -9.08 -14.38
CA GLY A 108 10.44 -9.04 -13.33
C GLY A 108 11.16 -10.36 -13.23
N GLY A 109 11.85 -10.59 -12.11
CA GLY A 109 12.48 -11.89 -11.88
C GLY A 109 13.54 -11.88 -10.81
N GLU A 110 14.54 -12.75 -10.98
CA GLU A 110 15.62 -12.94 -10.02
C GLU A 110 16.84 -12.07 -10.31
N LEU A 111 17.24 -11.28 -9.32
CA LEU A 111 18.45 -10.47 -9.43
C LEU A 111 19.66 -11.39 -9.34
N ASN A 112 20.74 -11.00 -9.99
CA ASN A 112 22.01 -11.70 -9.79
C ASN A 112 22.60 -11.25 -8.44
N PRO A 113 23.42 -12.09 -7.81
CA PRO A 113 23.90 -11.82 -6.45
C PRO A 113 24.47 -10.42 -6.17
N GLY A 114 25.22 -9.85 -7.12
CA GLY A 114 25.85 -8.56 -6.92
C GLY A 114 25.21 -7.45 -7.72
N GLU A 115 23.95 -7.63 -8.07
CA GLU A 115 23.23 -6.71 -8.94
C GLU A 115 22.41 -5.69 -8.13
N ASP A 116 22.47 -4.43 -8.56
CA ASP A 116 21.61 -3.36 -8.07
C ASP A 116 20.15 -3.68 -8.43
N GLU A 117 19.22 -3.34 -7.52
CA GLU A 117 17.80 -3.68 -7.63
C GLU A 117 17.10 -3.09 -8.85
N VAL A 118 17.31 -1.81 -9.08
CA VAL A 118 16.63 -1.08 -10.14
C VAL A 118 17.24 -1.46 -11.49
N GLU A 119 18.56 -1.48 -11.56
CA GLU A 119 19.27 -1.93 -12.75
C GLU A 119 18.88 -3.36 -13.13
N GLY A 120 18.81 -4.25 -12.15
CA GLY A 120 18.31 -5.61 -12.37
C GLY A 120 16.92 -5.65 -12.97
N LEU A 121 15.99 -4.95 -12.35
CA LEU A 121 14.61 -4.87 -12.86
C LEU A 121 14.58 -4.31 -14.28
N LYS A 122 15.40 -3.30 -14.56
CA LYS A 122 15.53 -2.79 -15.92
C LYS A 122 15.97 -3.88 -16.91
N ARG A 123 16.94 -4.72 -16.53
CA ARG A 123 17.40 -5.82 -17.41
C ARG A 123 16.26 -6.84 -17.66
N LEU A 124 15.59 -7.23 -16.58
CA LEU A 124 14.48 -8.17 -16.61
C LEU A 124 13.23 -7.61 -17.32
N MET A 125 12.94 -6.32 -17.13
CA MET A 125 11.85 -5.65 -17.88
C MET A 125 12.10 -5.76 -19.38
N THR A 126 13.35 -5.55 -19.78
CA THR A 126 13.78 -5.60 -21.19
C THR A 126 13.76 -7.02 -21.76
N GLU A 127 14.20 -7.98 -20.95
CA GLU A 127 14.19 -9.39 -21.35
C GLU A 127 12.79 -9.89 -21.68
N ILE A 128 11.80 -9.44 -20.92
CA ILE A 128 10.44 -10.01 -20.97
C ILE A 128 9.46 -9.16 -21.78
N LEU A 129 9.73 -7.86 -21.94
CA LEU A 129 8.80 -6.97 -22.65
C LEU A 129 9.42 -6.12 -23.75
N GLY A 130 10.75 -6.08 -23.79
CA GLY A 130 11.49 -5.13 -24.63
C GLY A 130 11.44 -5.40 -26.12
N ARG A 131 11.11 -4.36 -26.88
CA ARG A 131 11.13 -4.42 -28.35
C ARG A 131 12.55 -4.66 -28.88
N GLN A 132 12.67 -4.97 -30.18
CA GLN A 132 13.96 -5.39 -30.74
C GLN A 132 14.49 -4.45 -31.83
N ASP A 133 14.36 -3.15 -31.57
CA ASP A 133 14.84 -2.06 -32.45
C ASP A 133 14.79 -0.73 -31.70
N GLN A 137 14.47 2.01 -25.79
CA GLN A 137 13.33 1.92 -24.88
C GLN A 137 13.84 1.77 -23.44
N ASP A 138 13.77 2.87 -22.67
CA ASP A 138 14.27 2.89 -21.30
C ASP A 138 13.11 2.96 -20.30
N TRP A 139 13.26 2.23 -19.19
CA TRP A 139 12.23 2.11 -18.18
C TRP A 139 12.43 3.15 -17.09
N VAL A 140 11.34 3.82 -16.72
CA VAL A 140 11.36 4.79 -15.63
C VAL A 140 10.88 4.10 -14.35
N ILE A 141 11.81 3.87 -13.43
CA ILE A 141 11.52 3.16 -12.20
C ILE A 141 11.96 3.95 -10.96
N ASP A 142 11.07 4.81 -10.44
CA ASP A 142 11.45 5.73 -9.35
C ASP A 142 10.69 5.51 -8.04
N ASP A 143 9.81 4.49 -7.99
CA ASP A 143 8.99 4.25 -6.83
C ASP A 143 9.01 2.79 -6.33
N CYS A 144 9.39 2.58 -5.07
CA CYS A 144 9.14 1.31 -4.40
C CYS A 144 7.70 1.31 -3.89
N ILE A 145 6.94 0.25 -4.19
CA ILE A 145 5.56 0.18 -3.72
C ILE A 145 5.32 -0.81 -2.58
N GLY A 146 6.17 -1.83 -2.47
CA GLY A 146 6.10 -2.77 -1.36
C GLY A 146 7.15 -3.87 -1.35
N ASN A 147 7.27 -4.55 -0.22
CA ASN A 147 8.16 -5.70 -0.06
C ASN A 147 7.40 -6.92 0.47
N TRP A 148 7.80 -8.10 0.00
CA TRP A 148 7.24 -9.39 0.44
C TRP A 148 8.40 -10.33 0.78
N TRP A 149 8.22 -11.11 1.83
CA TRP A 149 9.26 -12.01 2.34
C TRP A 149 8.74 -13.45 2.50
N ARG A 150 9.61 -14.42 2.19
CA ARG A 150 9.27 -15.84 2.27
C ARG A 150 10.13 -16.52 3.35
N PRO A 151 9.52 -16.84 4.51
CA PRO A 151 10.31 -17.39 5.62
C PRO A 151 10.89 -18.79 5.40
N ASN A 152 10.17 -19.60 4.62
CA ASN A 152 10.54 -21.02 4.44
C ASN A 152 10.54 -21.37 2.95
N PHE A 153 11.08 -22.54 2.60
CA PHE A 153 10.99 -23.04 1.21
C PHE A 153 9.58 -23.60 0.97
N GLU A 154 8.61 -22.69 0.98
CA GLU A 154 7.19 -23.01 0.98
C GLU A 154 6.43 -21.81 0.43
N PRO A 155 5.25 -22.03 -0.18
CA PRO A 155 4.39 -20.95 -0.75
C PRO A 155 4.18 -19.64 0.04
N PRO A 156 3.90 -19.71 1.38
CA PRO A 156 3.51 -18.47 2.08
C PRO A 156 4.49 -17.30 2.00
N GLN A 157 3.94 -16.10 1.77
CA GLN A 157 4.73 -14.87 1.71
C GLN A 157 4.04 -13.83 2.57
N TYR A 158 4.82 -12.91 3.12
CA TYR A 158 4.27 -11.89 4.02
C TYR A 158 4.82 -10.49 3.73
N PRO A 159 3.98 -9.45 3.91
CA PRO A 159 4.41 -8.06 3.68
C PRO A 159 5.26 -7.53 4.84
N TYR A 160 5.89 -8.46 5.58
CA TYR A 160 6.76 -8.19 6.72
C TYR A 160 7.67 -9.40 6.93
N ILE A 161 8.73 -9.24 7.71
CA ILE A 161 9.53 -10.38 8.12
C ILE A 161 8.94 -10.92 9.43
N PRO A 162 8.39 -12.16 9.40
CA PRO A 162 7.68 -12.69 10.56
C PRO A 162 8.60 -12.87 11.77
N ALA A 163 8.03 -12.70 12.96
CA ALA A 163 8.78 -12.81 14.22
C ALA A 163 9.67 -14.04 14.24
N HIS A 164 10.88 -13.88 14.80
CA HIS A 164 11.85 -14.96 15.01
C HIS A 164 12.47 -15.55 13.72
N ILE A 165 12.20 -14.93 12.57
CA ILE A 165 12.77 -15.38 11.30
C ILE A 165 13.97 -14.51 10.90
N THR A 166 15.17 -15.06 11.11
CA THR A 166 16.43 -14.35 10.93
C THR A 166 17.01 -14.48 9.54
N LYS A 167 16.81 -15.64 8.90
CA LYS A 167 17.20 -15.82 7.50
C LYS A 167 15.97 -16.17 6.66
N PRO A 168 15.25 -15.16 6.16
CA PRO A 168 14.18 -15.44 5.21
C PRO A 168 14.80 -15.97 3.91
N LYS A 169 14.02 -16.72 3.13
CA LYS A 169 14.57 -17.45 1.98
C LYS A 169 14.44 -16.66 0.69
N GLU A 170 13.53 -15.69 0.69
CA GLU A 170 13.33 -14.81 -0.45
C GLU A 170 12.89 -13.44 -0.01
N HIS A 171 13.44 -12.42 -0.67
CA HIS A 171 12.97 -11.05 -0.55
C HIS A 171 12.47 -10.60 -1.92
N LYS A 172 11.20 -10.28 -1.97
CA LYS A 172 10.56 -9.81 -3.18
C LYS A 172 10.27 -8.32 -3.06
N LYS A 173 10.74 -7.53 -4.01
CA LYS A 173 10.55 -6.07 -3.99
C LYS A 173 9.79 -5.60 -5.23
N LEU A 174 8.75 -4.79 -5.02
CA LEU A 174 7.87 -4.30 -6.09
C LEU A 174 8.09 -2.80 -6.38
N PHE A 175 8.05 -2.44 -7.65
CA PHE A 175 8.33 -1.07 -8.07
C PHE A 175 7.25 -0.62 -9.04
N LEU A 176 6.89 0.65 -9.01
CA LEU A 176 6.01 1.20 -10.02
C LEU A 176 6.85 1.64 -11.22
N VAL A 177 6.49 1.17 -12.40
CA VAL A 177 7.21 1.51 -13.62
C VAL A 177 6.30 2.40 -14.46
N GLN A 178 6.70 3.66 -14.64
CA GLN A 178 5.88 4.65 -15.34
C GLN A 178 6.02 4.48 -16.86
N LEU A 179 4.91 4.47 -17.58
CA LEU A 179 4.93 4.28 -19.02
C LEU A 179 4.86 5.64 -19.72
N GLN A 180 5.52 5.73 -20.87
CA GLN A 180 5.33 6.86 -21.77
C GLN A 180 3.90 6.82 -22.35
N GLU A 181 3.51 7.85 -23.08
CA GLU A 181 2.15 7.95 -23.63
C GLU A 181 1.76 6.75 -24.49
N LYS A 182 2.75 6.18 -25.17
CA LYS A 182 2.56 5.09 -26.11
C LYS A 182 3.76 4.15 -25.98
N ALA A 183 3.49 2.86 -26.03
CA ALA A 183 4.54 1.86 -26.00
C ALA A 183 4.22 0.68 -26.90
N LEU A 184 5.25 0.12 -27.51
CA LEU A 184 5.15 -1.14 -28.24
C LEU A 184 6.04 -2.15 -27.53
N PHE A 185 5.45 -3.27 -27.13
CA PHE A 185 6.21 -4.31 -26.44
C PHE A 185 6.48 -5.47 -27.40
N ALA A 186 7.45 -6.30 -27.04
CA ALA A 186 7.61 -7.60 -27.68
C ALA A 186 7.56 -8.64 -26.57
N VAL A 187 6.62 -9.57 -26.69
CA VAL A 187 6.31 -10.52 -25.62
C VAL A 187 6.68 -11.93 -26.07
N PRO A 188 7.34 -12.70 -25.17
CA PRO A 188 7.67 -14.07 -25.53
C PRO A 188 6.42 -14.84 -25.98
N LYS A 189 6.58 -15.69 -26.99
CA LYS A 189 5.45 -16.31 -27.70
C LYS A 189 4.53 -17.14 -26.81
N ASN A 190 5.08 -17.67 -25.73
CA ASN A 190 4.35 -18.54 -24.80
C ASN A 190 3.54 -17.76 -23.76
N TYR A 191 3.76 -16.44 -23.72
CA TYR A 191 3.05 -15.55 -22.84
C TYR A 191 2.06 -14.67 -23.60
N LYS A 192 1.06 -14.18 -22.87
CA LYS A 192 0.14 -13.15 -23.37
C LYS A 192 0.25 -11.97 -22.43
N LEU A 193 0.07 -10.77 -22.97
CA LEU A 193 0.01 -9.57 -22.14
C LEU A 193 -1.45 -9.15 -21.98
N VAL A 194 -1.93 -9.08 -20.74
CA VAL A 194 -3.31 -8.68 -20.43
C VAL A 194 -3.37 -7.45 -19.52
N ALA A 195 -4.57 -6.92 -19.33
CA ALA A 195 -4.80 -5.73 -18.53
C ALA A 195 -5.97 -5.92 -17.57
N ALA A 196 -5.66 -5.92 -16.28
CA ALA A 196 -6.62 -6.27 -15.25
C ALA A 196 -7.05 -5.05 -14.45
N PRO A 197 -8.36 -4.78 -14.37
CA PRO A 197 -8.80 -3.66 -13.54
C PRO A 197 -8.63 -3.95 -12.05
N LEU A 198 -8.42 -2.91 -11.26
CA LEU A 198 -8.17 -3.07 -9.83
C LEU A 198 -9.29 -3.75 -9.08
N PHE A 199 -10.52 -3.62 -9.56
CA PHE A 199 -11.65 -4.32 -8.95
C PHE A 199 -11.71 -5.83 -9.17
N GLU A 200 -11.06 -6.30 -10.24
CA GLU A 200 -10.94 -7.75 -10.48
C GLU A 200 -9.81 -8.38 -9.65
N LEU A 201 -8.81 -7.58 -9.32
CA LEU A 201 -7.69 -8.02 -8.46
C LEU A 201 -8.03 -8.00 -6.97
N TYR A 202 -8.85 -7.03 -6.54
CA TYR A 202 -9.16 -6.83 -5.12
C TYR A 202 -9.78 -8.07 -4.50
N ASP A 203 -9.22 -8.52 -3.37
CA ASP A 203 -9.72 -9.69 -2.63
C ASP A 203 -9.80 -10.97 -3.50
N ASN A 204 -8.79 -11.16 -4.37
CA ASN A 204 -8.83 -12.20 -5.40
C ASN A 204 -7.51 -12.96 -5.56
N ALA A 205 -6.99 -13.44 -4.43
CA ALA A 205 -5.84 -14.33 -4.41
C ALA A 205 -6.03 -15.64 -5.21
N PRO A 206 -7.26 -16.22 -5.20
CA PRO A 206 -7.54 -17.36 -6.09
C PRO A 206 -7.14 -17.12 -7.56
N GLY A 207 -7.55 -15.99 -8.11
CA GLY A 207 -7.24 -15.67 -9.50
C GLY A 207 -5.84 -15.15 -9.73
N TYR A 208 -5.30 -14.40 -8.76
CA TYR A 208 -4.05 -13.66 -8.98
C TYR A 208 -2.93 -13.82 -7.96
N GLY A 209 -3.16 -14.54 -6.87
CA GLY A 209 -2.14 -14.71 -5.82
C GLY A 209 -2.16 -13.59 -4.79
N PRO A 210 -1.47 -13.77 -3.65
CA PRO A 210 -1.52 -12.78 -2.58
C PRO A 210 -0.80 -11.44 -2.90
N ILE A 211 0.19 -11.47 -3.79
CA ILE A 211 0.92 -10.24 -4.16
C ILE A 211 0.11 -9.37 -5.14
N ILE A 212 -0.31 -9.94 -6.28
CA ILE A 212 -1.05 -9.18 -7.29
C ILE A 212 -2.42 -8.73 -6.75
N SER A 213 -3.03 -9.56 -5.93
CA SER A 213 -4.34 -9.20 -5.37
C SER A 213 -4.30 -8.03 -4.38
N SER A 214 -3.11 -7.66 -3.89
CA SER A 214 -3.01 -6.53 -2.96
C SER A 214 -2.43 -5.23 -3.56
N LEU A 215 -2.17 -5.26 -4.86
CA LEU A 215 -1.87 -4.07 -5.64
C LEU A 215 -2.93 -2.93 -5.54
N PRO A 216 -4.23 -3.26 -5.52
CA PRO A 216 -5.21 -2.16 -5.30
C PRO A 216 -4.89 -1.31 -4.07
N GLN A 217 -4.65 -1.94 -2.93
CA GLN A 217 -4.21 -1.23 -1.71
C GLN A 217 -2.82 -0.56 -1.86
N LEU A 218 -1.85 -1.28 -2.46
CA LEU A 218 -0.49 -0.75 -2.64
C LEU A 218 -0.44 0.45 -3.60
N LEU A 219 -1.42 0.54 -4.49
CA LEU A 219 -1.50 1.60 -5.49
C LEU A 219 -2.45 2.72 -5.09
N SER A 220 -3.17 2.54 -3.98
CA SER A 220 -4.17 3.55 -3.56
C SER A 220 -3.63 4.93 -3.19
N ARG A 221 -2.33 5.04 -2.90
CA ARG A 221 -1.72 6.32 -2.48
C ARG A 221 -1.38 7.26 -3.64
N PHE A 222 -1.18 6.70 -4.84
CA PHE A 222 -0.87 7.50 -6.01
C PHE A 222 -2.05 8.32 -6.48
N ASN A 223 -1.75 9.55 -6.87
CA ASN A 223 -2.70 10.44 -7.51
C ASN A 223 -2.63 10.25 -9.04
N PHE A 224 -3.52 9.44 -9.59
CA PHE A 224 -3.52 9.15 -11.02
C PHE A 224 -4.22 10.24 -11.83
N ILE A 225 -3.58 10.63 -12.93
CA ILE A 225 -4.19 11.52 -13.92
C ILE A 225 -4.59 10.63 -15.10
N TYR A 226 -5.80 10.85 -15.61
CA TYR A 226 -6.35 10.05 -16.72
C TYR A 226 -6.31 10.84 -18.00
N ASN A 227 -5.26 10.61 -18.79
CA ASN A 227 -4.98 11.40 -20.00
C ASN A 227 -5.69 10.82 -21.22
N LYS B 29 19.69 7.82 -1.77
CA LYS B 29 18.48 7.38 -2.55
C LYS B 29 17.30 8.34 -2.41
N PRO B 30 16.63 8.65 -3.53
CA PRO B 30 15.41 9.46 -3.56
C PRO B 30 14.37 8.97 -2.58
N LEU B 31 13.61 9.91 -2.04
CA LEU B 31 12.53 9.62 -1.08
C LEU B 31 11.37 8.80 -1.67
N THR B 32 11.30 8.72 -3.00
CA THR B 32 10.25 7.93 -3.66
C THR B 32 10.68 6.47 -3.82
N LEU B 33 11.99 6.22 -3.69
CA LEU B 33 12.55 4.87 -3.77
C LEU B 33 12.81 4.24 -2.42
N GLU B 34 13.05 5.07 -1.41
CA GLU B 34 13.35 4.57 -0.06
C GLU B 34 12.98 5.61 0.98
N ARG B 35 11.92 5.32 1.73
CA ARG B 35 11.55 6.10 2.91
C ARG B 35 12.06 5.39 4.15
N THR B 36 13.05 5.99 4.80
CA THR B 36 13.60 5.45 6.03
C THR B 36 12.88 6.09 7.24
N ILE B 37 12.28 5.25 8.09
CA ILE B 37 11.53 5.73 9.25
C ILE B 37 12.12 5.24 10.58
N ASN B 38 12.19 6.15 11.56
CA ASN B 38 12.72 5.84 12.89
C ASN B 38 11.60 5.36 13.81
N LEU B 39 11.78 4.16 14.33
CA LEU B 39 10.87 3.61 15.33
C LEU B 39 11.59 3.56 16.68
N TYR B 40 10.81 3.72 17.76
CA TYR B 40 11.34 3.68 19.12
C TYR B 40 10.52 2.71 19.96
N PRO B 41 11.09 2.18 21.07
CA PRO B 41 10.40 1.21 21.92
C PRO B 41 9.03 1.69 22.38
N LEU B 42 8.11 0.77 22.61
CA LEU B 42 6.83 1.12 23.24
C LEU B 42 7.03 1.69 24.67
N THR B 43 8.13 1.30 25.33
CA THR B 43 8.47 1.88 26.64
C THR B 43 8.97 3.34 26.57
N ASN B 44 9.08 3.90 25.38
CA ASN B 44 9.45 5.32 25.24
C ASN B 44 8.26 6.28 25.35
N TYR B 45 7.07 5.72 25.54
CA TYR B 45 5.83 6.50 25.57
C TYR B 45 4.98 6.10 26.77
N THR B 46 4.33 7.07 27.41
CA THR B 46 3.27 6.79 28.37
C THR B 46 1.90 7.29 27.96
N PHE B 47 0.89 6.68 28.54
CA PHE B 47 -0.50 7.05 28.39
C PHE B 47 -0.89 7.99 29.54
N GLY B 48 -1.78 8.92 29.25
CA GLY B 48 -2.43 9.70 30.29
C GLY B 48 -3.92 9.45 30.15
N THR B 49 -4.70 9.94 31.11
CA THR B 49 -6.15 9.81 31.05
C THR B 49 -6.80 11.19 31.12
N LYS B 50 -7.60 11.50 30.10
CA LYS B 50 -8.43 12.69 30.12
C LYS B 50 -9.92 12.32 30.09
N GLU B 51 -10.77 13.37 29.78
CA GLU B 51 -12.22 13.17 29.78
C GLU B 51 -12.68 12.32 28.61
N PRO B 52 -13.75 11.53 28.80
CA PRO B 52 -14.26 10.66 27.75
C PRO B 52 -14.62 11.40 26.47
N LEU B 53 -14.24 10.84 25.33
CA LEU B 53 -14.62 11.36 24.03
C LEU B 53 -15.78 10.51 23.51
N TYR B 54 -16.85 11.16 23.09
CA TYR B 54 -17.99 10.43 22.54
C TYR B 54 -18.16 10.73 21.06
N GLU B 55 -18.52 9.70 20.30
CA GLU B 55 -18.76 9.84 18.86
C GLU B 55 -19.92 10.80 18.60
N LYS B 56 -19.86 11.49 17.46
CA LYS B 56 -20.86 12.50 17.08
C LYS B 56 -22.21 11.85 16.77
N ASP B 57 -22.19 10.56 16.45
CA ASP B 57 -23.38 9.79 16.11
C ASP B 57 -23.63 8.68 17.13
N SER B 58 -24.88 8.54 17.53
CA SER B 58 -25.25 7.63 18.64
C SER B 58 -25.57 6.19 18.22
N SER B 59 -25.65 5.95 16.91
CA SER B 59 -25.93 4.61 16.37
C SER B 59 -25.41 4.50 14.95
N VAL B 60 -25.55 3.29 14.38
CA VAL B 60 -25.10 3.03 13.00
C VAL B 60 -26.04 3.70 12.00
N ALA B 61 -27.34 3.54 12.23
CA ALA B 61 -28.37 4.22 11.45
C ALA B 61 -28.13 5.74 11.37
N ALA B 62 -27.95 6.33 12.58
CA ALA B 62 -27.79 7.79 12.70
C ALA B 62 -26.52 8.28 12.05
N ARG B 63 -25.50 7.42 12.01
CA ARG B 63 -24.24 7.76 11.40
C ARG B 63 -24.33 7.91 9.88
N PHE B 64 -25.10 7.03 9.23
CA PHE B 64 -25.25 7.09 7.79
C PHE B 64 -26.27 8.13 7.32
N GLN B 65 -27.22 8.49 8.20
CA GLN B 65 -28.12 9.59 7.92
C GLN B 65 -27.39 10.95 7.90
N ARG B 66 -26.60 11.24 8.94
CA ARG B 66 -25.84 12.48 8.98
C ARG B 66 -24.93 12.65 7.77
N MET B 67 -24.31 11.55 7.34
CA MET B 67 -23.50 11.55 6.12
C MET B 67 -24.35 11.97 4.91
N ARG B 68 -25.57 11.42 4.84
CA ARG B 68 -26.55 11.76 3.79
C ARG B 68 -26.88 13.25 3.77
N GLU B 69 -27.20 13.78 4.95
CA GLU B 69 -27.61 15.18 5.10
C GLU B 69 -26.46 16.14 4.79
N GLU B 70 -25.26 15.80 5.22
CA GLU B 70 -24.08 16.65 5.01
C GLU B 70 -23.58 16.65 3.56
N PHE B 71 -23.73 15.51 2.87
CA PHE B 71 -23.40 15.40 1.45
C PHE B 71 -24.27 16.35 0.60
N ASP B 72 -25.53 16.47 1.01
CA ASP B 72 -26.42 17.47 0.40
C ASP B 72 -25.91 18.89 0.65
N LYS B 73 -25.35 19.11 1.84
CA LYS B 73 -24.92 20.43 2.28
C LYS B 73 -23.57 20.83 1.71
N ILE B 74 -22.54 20.03 2.03
CA ILE B 74 -21.14 20.37 1.73
C ILE B 74 -20.45 19.37 0.80
N GLY B 75 -21.18 18.30 0.43
CA GLY B 75 -20.66 17.29 -0.49
C GLY B 75 -19.90 16.17 0.18
N MET B 76 -19.10 15.46 -0.61
CA MET B 76 -18.35 14.28 -0.17
C MET B 76 -17.69 14.51 1.19
N ARG B 77 -17.80 13.51 2.07
CA ARG B 77 -17.15 13.57 3.36
C ARG B 77 -15.65 13.35 3.18
N ARG B 78 -14.85 14.24 3.76
CA ARG B 78 -13.41 14.09 3.75
C ARG B 78 -12.94 13.67 5.14
N THR B 79 -12.41 12.45 5.27
CA THR B 79 -11.80 12.04 6.54
C THR B 79 -10.31 11.72 6.38
N VAL B 80 -9.57 11.94 7.46
CA VAL B 80 -8.12 11.69 7.47
C VAL B 80 -7.76 10.85 8.68
N GLU B 81 -6.79 9.95 8.51
CA GLU B 81 -6.39 9.05 9.57
C GLU B 81 -4.88 8.88 9.68
N GLY B 82 -4.41 8.72 10.90
CA GLY B 82 -2.97 8.65 11.19
C GLY B 82 -2.52 7.27 11.65
N VAL B 83 -1.41 6.79 11.09
CA VAL B 83 -0.82 5.50 11.47
C VAL B 83 0.44 5.77 12.28
N LEU B 84 0.34 5.56 13.59
CA LEU B 84 1.46 5.79 14.51
C LEU B 84 2.06 4.42 14.83
N ILE B 85 3.38 4.33 14.74
CA ILE B 85 4.07 3.05 14.81
C ILE B 85 5.15 3.07 15.87
N VAL B 86 5.23 1.98 16.63
CA VAL B 86 6.31 1.79 17.59
C VAL B 86 6.96 0.44 17.30
N HIS B 87 7.93 0.02 18.11
CA HIS B 87 8.46 -1.34 18.01
C HIS B 87 8.58 -2.00 19.38
N GLU B 88 8.44 -3.32 19.39
CA GLU B 88 8.71 -4.10 20.59
C GLU B 88 9.59 -5.29 20.25
N HIS B 89 10.82 -5.24 20.76
CA HIS B 89 11.87 -6.21 20.41
C HIS B 89 11.96 -6.38 18.89
N ARG B 90 12.28 -5.25 18.24
CA ARG B 90 12.55 -5.14 16.80
C ARG B 90 11.38 -5.50 15.87
N LEU B 91 10.17 -5.35 16.38
CA LEU B 91 8.94 -5.66 15.66
C LEU B 91 7.99 -4.46 15.67
N PRO B 92 7.57 -3.98 14.48
CA PRO B 92 6.66 -2.84 14.38
C PRO B 92 5.22 -3.14 14.86
N HIS B 93 4.63 -2.19 15.60
CA HIS B 93 3.27 -2.28 16.12
C HIS B 93 2.54 -0.99 15.79
N VAL B 94 1.30 -1.10 15.31
CA VAL B 94 0.48 0.07 15.01
C VAL B 94 -0.31 0.41 16.28
N LEU B 95 -0.39 1.69 16.62
CA LEU B 95 -1.22 2.15 17.74
C LEU B 95 -2.69 2.31 17.34
N LEU B 96 -3.56 1.55 17.99
CA LEU B 96 -5.00 1.61 17.71
C LEU B 96 -5.80 2.07 18.92
N LEU B 97 -6.94 2.71 18.66
CA LEU B 97 -7.91 3.05 19.72
C LEU B 97 -8.99 1.97 19.84
N GLN B 98 -9.21 1.48 21.06
CA GLN B 98 -10.14 0.37 21.31
C GLN B 98 -11.37 0.83 22.09
N LEU B 99 -12.56 0.49 21.59
CA LEU B 99 -13.81 0.87 22.24
C LEU B 99 -14.51 -0.26 23.00
N GLY B 100 -13.75 -1.17 23.59
CA GLY B 100 -14.32 -2.24 24.41
C GLY B 100 -14.47 -3.57 23.69
N THR B 101 -13.59 -4.50 24.04
CA THR B 101 -13.52 -5.85 23.45
C THR B 101 -13.22 -5.91 21.93
N THR B 102 -14.19 -5.47 21.11
CA THR B 102 -14.17 -5.80 19.67
C THR B 102 -13.88 -4.66 18.69
N PHE B 103 -14.13 -3.42 19.09
CA PHE B 103 -14.13 -2.30 18.14
C PHE B 103 -12.84 -1.45 18.12
N PHE B 104 -12.13 -1.47 16.98
CA PHE B 104 -10.84 -0.80 16.82
C PHE B 104 -10.88 0.31 15.77
N LYS B 105 -10.19 1.42 16.04
CA LYS B 105 -10.11 2.53 15.08
C LYS B 105 -8.74 3.21 15.09
N LEU B 106 -8.44 3.90 14.00
CA LEU B 106 -7.26 4.73 13.92
C LEU B 106 -7.59 6.11 14.44
N PRO B 107 -6.60 6.79 15.07
CA PRO B 107 -6.79 8.21 15.39
C PRO B 107 -7.01 9.02 14.10
N GLY B 108 -7.97 9.94 14.13
CA GLY B 108 -8.35 10.71 12.95
C GLY B 108 -9.78 11.20 13.02
N GLY B 109 -10.36 11.55 11.88
CA GLY B 109 -11.74 12.04 11.85
C GLY B 109 -12.08 12.86 10.63
N GLU B 110 -13.10 13.71 10.76
CA GLU B 110 -13.61 14.54 9.67
C GLU B 110 -12.92 15.91 9.58
N LEU B 111 -12.44 16.22 8.38
CA LEU B 111 -11.96 17.56 8.03
C LEU B 111 -13.13 18.52 7.91
N ASN B 112 -12.89 19.78 8.25
CA ASN B 112 -13.89 20.84 8.02
C ASN B 112 -13.81 21.32 6.58
N PRO B 113 -14.91 21.88 6.04
CA PRO B 113 -14.86 22.29 4.63
C PRO B 113 -13.71 23.26 4.33
N GLY B 114 -12.86 22.90 3.36
CA GLY B 114 -11.75 23.75 2.93
C GLY B 114 -10.49 23.66 3.78
N GLU B 115 -10.48 22.76 4.75
CA GLU B 115 -9.34 22.58 5.66
C GLU B 115 -8.24 21.79 4.97
N ASP B 116 -6.99 22.13 5.29
CA ASP B 116 -5.84 21.39 4.82
C ASP B 116 -5.84 19.99 5.44
N GLU B 117 -5.56 18.97 4.65
CA GLU B 117 -5.62 17.57 5.10
C GLU B 117 -4.64 17.27 6.21
N VAL B 118 -3.45 17.85 6.11
CA VAL B 118 -2.37 17.61 7.05
C VAL B 118 -2.58 18.41 8.34
N GLU B 119 -2.99 19.67 8.20
CA GLU B 119 -3.33 20.49 9.37
C GLU B 119 -4.57 19.95 10.09
N GLY B 120 -5.54 19.49 9.32
CA GLY B 120 -6.73 18.86 9.87
C GLY B 120 -6.42 17.59 10.65
N LEU B 121 -5.56 16.74 10.11
CA LEU B 121 -5.13 15.53 10.82
C LEU B 121 -4.43 15.86 12.12
N LYS B 122 -3.57 16.88 12.07
CA LYS B 122 -2.85 17.38 13.24
C LYS B 122 -3.80 17.92 14.30
N ARG B 123 -4.86 18.61 13.87
CA ARG B 123 -5.91 19.07 14.80
C ARG B 123 -6.58 17.87 15.46
N LEU B 124 -6.94 16.88 14.64
CA LEU B 124 -7.69 15.72 15.10
C LEU B 124 -6.86 14.81 15.99
N MET B 125 -5.55 14.75 15.72
CA MET B 125 -4.61 14.00 16.54
C MET B 125 -4.53 14.54 17.95
N THR B 126 -4.48 15.86 18.05
CA THR B 126 -4.39 16.57 19.33
C THR B 126 -5.70 16.49 20.10
N GLU B 127 -6.82 16.63 19.38
CA GLU B 127 -8.16 16.41 19.93
C GLU B 127 -8.31 15.05 20.59
N ILE B 128 -7.74 14.01 19.97
CA ILE B 128 -7.83 12.65 20.50
C ILE B 128 -6.75 12.34 21.54
N LEU B 129 -5.49 12.58 21.19
CA LEU B 129 -4.35 12.09 21.97
C LEU B 129 -3.56 13.18 22.72
N GLY B 130 -3.92 14.43 22.50
CA GLY B 130 -3.30 15.56 23.21
C GLY B 130 -3.98 15.87 24.52
N ARG B 131 -3.22 16.51 25.42
CA ARG B 131 -3.68 16.76 26.79
C ARG B 131 -4.18 18.20 27.03
N GLN B 132 -4.66 18.44 28.24
CA GLN B 132 -5.05 19.78 28.66
C GLN B 132 -3.81 20.60 28.97
N ASP B 133 -3.05 20.15 29.97
CA ASP B 133 -1.87 20.85 30.48
C ASP B 133 -0.87 21.24 29.41
N ASP B 138 3.23 18.23 18.43
CA ASP B 138 4.25 18.30 17.38
C ASP B 138 4.23 17.03 16.57
N TRP B 139 3.33 16.97 15.60
CA TRP B 139 3.18 15.79 14.75
C TRP B 139 3.96 15.98 13.45
N VAL B 140 4.80 14.99 13.13
CA VAL B 140 5.54 14.97 11.86
C VAL B 140 4.77 14.10 10.84
N ILE B 141 4.15 14.74 9.85
CA ILE B 141 3.34 14.05 8.85
C ILE B 141 3.82 14.35 7.42
N ASP B 142 4.65 13.46 6.87
CA ASP B 142 5.26 13.65 5.55
C ASP B 142 4.79 12.67 4.46
N ASP B 143 4.15 11.56 4.84
CA ASP B 143 3.80 10.49 3.90
C ASP B 143 2.31 10.16 3.84
N CYS B 144 1.76 10.19 2.64
CA CYS B 144 0.46 9.55 2.38
C CYS B 144 0.73 8.08 2.09
N ILE B 145 -0.05 7.21 2.70
CA ILE B 145 0.13 5.75 2.56
C ILE B 145 -1.03 5.01 1.86
N GLY B 146 -2.21 5.61 1.85
CA GLY B 146 -3.36 5.01 1.21
C GLY B 146 -4.59 5.90 1.15
N ASN B 147 -5.50 5.52 0.26
CA ASN B 147 -6.78 6.19 0.03
C ASN B 147 -7.89 5.15 -0.04
N TRP B 148 -9.04 5.46 0.58
CA TRP B 148 -10.18 4.57 0.54
C TRP B 148 -11.45 5.36 0.19
N TRP B 149 -12.40 4.69 -0.42
CA TRP B 149 -13.56 5.37 -0.95
C TRP B 149 -14.85 4.62 -0.62
N ARG B 150 -15.84 5.38 -0.16
CA ARG B 150 -17.17 4.89 0.15
C ARG B 150 -18.16 5.31 -0.96
N PRO B 151 -18.58 4.35 -1.82
CA PRO B 151 -19.49 4.67 -2.94
C PRO B 151 -20.91 5.08 -2.51
N ASN B 152 -21.44 4.44 -1.47
CA ASN B 152 -22.82 4.64 -1.06
C ASN B 152 -22.83 4.96 0.43
N PHE B 153 -23.99 5.37 0.96
CA PHE B 153 -24.11 5.59 2.39
C PHE B 153 -24.31 4.25 3.09
N GLU B 154 -23.28 3.40 2.99
CA GLU B 154 -23.27 2.06 3.56
C GLU B 154 -21.85 1.70 3.97
N PRO B 155 -21.69 0.65 4.80
CA PRO B 155 -20.36 0.18 5.25
C PRO B 155 -19.23 -0.07 4.20
N PRO B 156 -19.52 -0.73 3.05
CA PRO B 156 -18.37 -1.08 2.19
C PRO B 156 -17.53 0.10 1.71
N GLN B 157 -16.22 -0.07 1.73
CA GLN B 157 -15.24 0.92 1.27
C GLN B 157 -14.18 0.21 0.40
N TYR B 158 -13.57 0.95 -0.52
CA TYR B 158 -12.63 0.36 -1.48
C TYR B 158 -11.37 1.19 -1.64
N PRO B 159 -10.21 0.53 -1.89
CA PRO B 159 -8.94 1.24 -2.11
C PRO B 159 -8.82 1.79 -3.53
N TYR B 160 -9.96 1.94 -4.21
CA TYR B 160 -10.04 2.53 -5.54
C TYR B 160 -11.45 3.07 -5.70
N ILE B 161 -11.71 3.87 -6.73
CA ILE B 161 -13.08 4.29 -7.05
C ILE B 161 -13.72 3.28 -8.01
N PRO B 162 -14.81 2.60 -7.56
CA PRO B 162 -15.48 1.57 -8.36
C PRO B 162 -16.00 2.09 -9.69
N ALA B 163 -16.14 1.18 -10.65
CA ALA B 163 -16.69 1.50 -11.97
C ALA B 163 -18.02 2.23 -11.85
N HIS B 164 -18.16 3.31 -12.62
CA HIS B 164 -19.40 4.12 -12.74
C HIS B 164 -19.75 4.97 -11.53
N ILE B 165 -18.93 4.91 -10.49
CA ILE B 165 -19.12 5.77 -9.34
C ILE B 165 -18.46 7.13 -9.61
N THR B 166 -19.32 8.13 -9.82
CA THR B 166 -18.90 9.49 -10.15
C THR B 166 -18.98 10.35 -8.90
N LYS B 167 -19.81 9.92 -7.95
CA LYS B 167 -19.98 10.67 -6.70
C LYS B 167 -19.82 9.78 -5.45
N PRO B 168 -18.56 9.49 -5.05
CA PRO B 168 -18.36 8.79 -3.79
C PRO B 168 -18.76 9.66 -2.59
N LYS B 169 -19.28 9.06 -1.54
CA LYS B 169 -19.87 9.81 -0.43
C LYS B 169 -18.85 10.16 0.66
N GLU B 170 -17.79 9.36 0.75
CA GLU B 170 -16.70 9.64 1.67
C GLU B 170 -15.36 9.28 1.02
N HIS B 171 -14.36 10.16 1.21
CA HIS B 171 -12.97 9.89 0.85
C HIS B 171 -12.09 9.90 2.11
N LYS B 172 -11.54 8.74 2.41
CA LYS B 172 -10.69 8.53 3.56
C LYS B 172 -9.22 8.50 3.11
N LYS B 173 -8.40 9.37 3.71
CA LYS B 173 -6.96 9.42 3.41
C LYS B 173 -6.10 9.07 4.65
N LEU B 174 -5.12 8.19 4.44
CA LEU B 174 -4.27 7.65 5.51
C LEU B 174 -2.83 8.15 5.39
N PHE B 175 -2.28 8.58 6.52
CA PHE B 175 -0.92 9.10 6.60
C PHE B 175 -0.12 8.37 7.67
N LEU B 176 1.16 8.14 7.39
CA LEU B 176 2.09 7.67 8.39
C LEU B 176 2.46 8.90 9.22
N VAL B 177 2.22 8.84 10.52
CA VAL B 177 2.59 9.94 11.40
C VAL B 177 3.87 9.54 12.12
N GLN B 178 4.90 10.38 12.06
CA GLN B 178 6.19 10.04 12.65
C GLN B 178 6.27 10.48 14.11
N LEU B 179 6.64 9.56 14.98
CA LEU B 179 6.68 9.87 16.41
C LEU B 179 8.03 10.41 16.83
N GLN B 180 8.02 11.31 17.81
CA GLN B 180 9.22 11.75 18.49
C GLN B 180 9.79 10.57 19.25
N GLU B 181 11.05 10.69 19.70
CA GLU B 181 11.73 9.63 20.44
C GLU B 181 10.89 9.18 21.63
N LYS B 182 10.37 10.16 22.36
CA LYS B 182 9.54 9.96 23.54
C LYS B 182 8.37 10.92 23.49
N ALA B 183 7.21 10.46 23.93
CA ALA B 183 6.01 11.30 23.98
C ALA B 183 5.09 10.93 25.15
N LEU B 184 4.20 11.86 25.49
CA LEU B 184 3.15 11.60 26.46
C LEU B 184 1.80 11.81 25.77
N PHE B 185 0.99 10.76 25.72
CA PHE B 185 -0.35 10.81 25.14
C PHE B 185 -1.40 10.91 26.24
N ALA B 186 -2.52 11.57 25.93
CA ALA B 186 -3.67 11.60 26.84
C ALA B 186 -4.83 10.89 26.17
N VAL B 187 -5.26 9.78 26.78
CA VAL B 187 -6.31 8.92 26.21
C VAL B 187 -7.63 9.10 26.97
N PRO B 188 -8.72 9.40 26.25
CA PRO B 188 -10.05 9.53 26.85
C PRO B 188 -10.48 8.22 27.56
N LYS B 189 -11.15 8.36 28.70
CA LYS B 189 -11.51 7.24 29.59
C LYS B 189 -12.17 6.03 28.92
N ASN B 190 -13.03 6.29 27.94
CA ASN B 190 -13.78 5.22 27.28
C ASN B 190 -12.97 4.47 26.21
N TYR B 191 -11.76 4.94 25.93
CA TYR B 191 -10.85 4.27 24.99
C TYR B 191 -9.67 3.61 25.70
N LYS B 192 -9.16 2.56 25.07
CA LYS B 192 -7.84 2.03 25.37
C LYS B 192 -6.95 2.24 24.16
N LEU B 193 -5.71 2.65 24.40
CA LEU B 193 -4.72 2.71 23.34
C LEU B 193 -3.94 1.41 23.40
N VAL B 194 -3.91 0.69 22.28
CA VAL B 194 -3.21 -0.59 22.20
C VAL B 194 -2.19 -0.60 21.08
N ALA B 195 -1.13 -1.38 21.27
CA ALA B 195 -0.14 -1.56 20.22
C ALA B 195 -0.34 -2.92 19.55
N ALA B 196 -0.74 -2.90 18.29
CA ALA B 196 -1.05 -4.12 17.55
C ALA B 196 0.10 -4.50 16.63
N PRO B 197 0.67 -5.71 16.80
CA PRO B 197 1.75 -6.13 15.90
C PRO B 197 1.18 -6.37 14.51
N LEU B 198 2.03 -6.28 13.48
CA LEU B 198 1.56 -6.40 12.09
C LEU B 198 1.05 -7.80 11.74
N PHE B 199 1.60 -8.84 12.37
CA PHE B 199 1.16 -10.21 12.10
C PHE B 199 -0.24 -10.51 12.61
N GLU B 200 -0.68 -9.70 13.58
CA GLU B 200 -2.02 -9.81 14.13
C GLU B 200 -3.04 -9.18 13.16
N LEU B 201 -2.60 -8.16 12.44
CA LEU B 201 -3.46 -7.44 11.49
C LEU B 201 -3.56 -8.11 10.12
N TYR B 202 -2.45 -8.66 9.64
CA TYR B 202 -2.36 -9.21 8.28
C TYR B 202 -3.34 -10.36 8.03
N ASP B 203 -4.15 -10.21 6.96
CA ASP B 203 -5.17 -11.18 6.56
C ASP B 203 -6.18 -11.41 7.71
N ASN B 204 -6.46 -10.35 8.47
CA ASN B 204 -7.42 -10.43 9.57
C ASN B 204 -8.49 -9.36 9.42
N ALA B 205 -9.09 -9.29 8.24
CA ALA B 205 -10.24 -8.41 8.00
C ALA B 205 -11.43 -8.62 8.97
N PRO B 206 -11.72 -9.89 9.36
CA PRO B 206 -12.82 -10.07 10.32
C PRO B 206 -12.55 -9.49 11.71
N GLY B 207 -11.28 -9.47 12.12
CA GLY B 207 -10.88 -8.91 13.41
C GLY B 207 -10.76 -7.40 13.38
N TYR B 208 -10.25 -6.86 12.27
CA TYR B 208 -9.87 -5.46 12.20
C TYR B 208 -10.50 -4.64 11.09
N GLY B 209 -11.23 -5.28 10.18
CA GLY B 209 -11.75 -4.57 9.00
C GLY B 209 -10.78 -4.59 7.83
N PRO B 210 -11.26 -4.18 6.63
CA PRO B 210 -10.48 -4.19 5.38
C PRO B 210 -9.36 -3.14 5.31
N ILE B 211 -9.50 -2.04 6.05
CA ILE B 211 -8.49 -0.98 6.10
C ILE B 211 -7.35 -1.30 7.10
N ILE B 212 -7.69 -1.48 8.37
CA ILE B 212 -6.68 -1.76 9.39
C ILE B 212 -5.87 -3.02 9.05
N SER B 213 -6.55 -4.07 8.58
CA SER B 213 -5.92 -5.35 8.26
C SER B 213 -5.00 -5.30 7.03
N SER B 214 -5.04 -4.19 6.30
CA SER B 214 -4.20 -4.04 5.10
C SER B 214 -3.05 -3.05 5.32
N LEU B 215 -2.91 -2.57 6.55
CA LEU B 215 -1.78 -1.73 6.94
C LEU B 215 -0.42 -2.43 6.84
N PRO B 216 -0.32 -3.74 7.17
CA PRO B 216 1.00 -4.35 6.91
C PRO B 216 1.51 -4.11 5.48
N GLN B 217 0.64 -4.35 4.48
CA GLN B 217 0.94 -4.09 3.07
C GLN B 217 1.37 -2.65 2.81
N LEU B 218 0.60 -1.69 3.34
CA LEU B 218 0.82 -0.25 3.11
C LEU B 218 2.12 0.25 3.73
N LEU B 219 2.60 -0.47 4.74
CA LEU B 219 3.79 -0.08 5.47
C LEU B 219 5.03 -0.79 4.95
N SER B 220 4.85 -1.75 4.03
CA SER B 220 5.97 -2.62 3.60
C SER B 220 7.09 -1.92 2.87
N ARG B 221 6.75 -0.85 2.14
CA ARG B 221 7.75 -0.04 1.42
C ARG B 221 8.72 0.74 2.31
N PHE B 222 8.38 0.95 3.58
CA PHE B 222 9.21 1.73 4.50
C PHE B 222 10.37 0.95 5.07
N ASN B 223 11.45 1.68 5.33
CA ASN B 223 12.65 1.10 5.91
C ASN B 223 12.73 1.54 7.37
N PHE B 224 12.19 0.70 8.26
CA PHE B 224 12.13 1.02 9.68
C PHE B 224 13.47 0.83 10.39
N ILE B 225 13.83 1.81 11.22
CA ILE B 225 15.04 1.75 12.05
C ILE B 225 14.55 1.55 13.49
N TYR B 226 15.10 0.55 14.16
CA TYR B 226 14.67 0.21 15.52
C TYR B 226 15.66 0.75 16.55
N ASN B 227 15.33 1.91 17.12
CA ASN B 227 16.22 2.61 18.03
C ASN B 227 16.01 2.15 19.46
S SO4 C . 4.97 -16.56 -6.28
O1 SO4 C . 4.09 -17.72 -6.19
O2 SO4 C . 6.22 -16.93 -5.61
O3 SO4 C . 5.23 -16.25 -7.69
O4 SO4 C . 4.34 -15.40 -5.62
S SO4 D . -15.65 2.70 9.10
O1 SO4 D . -16.91 2.35 8.44
O2 SO4 D . -15.76 2.27 10.49
O3 SO4 D . -14.53 2.00 8.45
O4 SO4 D . -15.42 4.14 9.03
#